data_6C0T
#
_entry.id   6C0T
#
_cell.length_a   85.730
_cell.length_b   85.730
_cell.length_c   50.664
_cell.angle_alpha   90.00
_cell.angle_beta   90.00
_cell.angle_gamma   90.00
#
_symmetry.space_group_name_H-M   'P 42'
#
loop_
_entity.id
_entity.type
_entity.pdbx_description
1 polymer 'cGMP-dependent protein kinase 1'
2 non-polymer N-[(3R,4R)-4-{[4-(2-fluoro-3-methoxy-6-propoxybenzene-1-carbonyl)benzene-1-carbonyl]amino}pyrrolidin-3-yl]-1H-indazole-5-carboxamide
3 non-polymer 'DIMETHYL SULFOXIDE'
4 non-polymer 'TRIETHYLENE GLYCOL'
5 water water
#
_entity_poly.entity_id   1
_entity_poly.type   'polypeptide(L)'
_entity_poly.pdbx_seq_one_letter_code
;GSGLDDVSNKAYEDAEAKAKYEAEAAFFANLKLSDFNIIDTLGVGGFGRVELVQLKSEESKTFAMKILKKRHIVDTRQQE
HIRSEKQIMQGAHSDFIVRLYRTFKDSKYLYMLMEACLGGELWTILRDRGSFEDSTTRFYTACVVEAFAYLHSKGIIYRD
LKPENLILDHRGYAKLVDFGFAKKIGFGKKTW(TPO)FCGTPEYVAPEIILNKGHDISADYWSLGILMYELLTGSPPFSG
PDPMKTYNIILRGIDMIEFPKKIAKNAANLIKKLCRDNPSERLGNLKNGVKDIQKHKWFEGFNWEGLRKGTLTPPIIPSV
ASPTDTSNFDSFPEDNDEPPPDDNSGWDIDF
;
_entity_poly.pdbx_strand_id   A
#
loop_
_chem_comp.id
_chem_comp.type
_chem_comp.name
_chem_comp.formula
DMS non-polymer 'DIMETHYL SULFOXIDE' 'C2 H6 O S'
EE4 non-polymer N-[(3R,4R)-4-{[4-(2-fluoro-3-methoxy-6-propoxybenzene-1-carbonyl)benzene-1-carbonyl]amino}pyrrolidin-3-yl]-1H-indazole-5-carboxamide 'C30 H30 F N5 O5'
PGE non-polymer 'TRIETHYLENE GLYCOL' 'C6 H14 O4'
#
# COMPACT_ATOMS: atom_id res chain seq x y z
N GLU A 13 11.16 3.46 -20.52
CA GLU A 13 11.94 2.43 -19.86
C GLU A 13 12.45 1.43 -20.90
N ASP A 14 12.25 0.14 -20.62
CA ASP A 14 12.55 -0.87 -21.62
C ASP A 14 11.56 -0.71 -22.77
N ALA A 15 12.08 -0.73 -24.00
CA ALA A 15 11.21 -0.61 -25.17
C ALA A 15 10.14 -1.71 -25.17
N GLU A 16 10.54 -2.94 -24.84
CA GLU A 16 9.58 -4.04 -24.82
C GLU A 16 8.55 -3.85 -23.72
N ALA A 17 9.00 -3.36 -22.57
CA ALA A 17 8.08 -3.04 -21.48
C ALA A 17 7.09 -1.97 -21.91
N LYS A 18 7.56 -0.96 -22.64
CA LYS A 18 6.65 0.10 -23.06
C LYS A 18 5.60 -0.41 -24.03
N ALA A 19 6.02 -1.20 -25.03
CA ALA A 19 5.08 -1.79 -25.98
C ALA A 19 4.05 -2.66 -25.27
N LYS A 20 4.47 -3.36 -24.22
CA LYS A 20 3.54 -4.19 -23.46
C LYS A 20 2.52 -3.33 -22.72
N TYR A 21 2.98 -2.22 -22.10
CA TYR A 21 2.03 -1.33 -21.44
C TYR A 21 1.03 -0.77 -22.44
N GLU A 22 1.49 -0.39 -23.62
CA GLU A 22 0.57 0.17 -24.62
C GLU A 22 -0.44 -0.89 -25.07
N ALA A 23 0.03 -2.09 -25.41
CA ALA A 23 -0.90 -3.16 -25.77
C ALA A 23 -1.91 -3.41 -24.65
N GLU A 24 -1.44 -3.47 -23.39
CA GLU A 24 -2.34 -3.64 -22.25
C GLU A 24 -3.40 -2.55 -22.26
N ALA A 25 -2.97 -1.29 -22.38
CA ALA A 25 -3.90 -0.16 -22.45
C ALA A 25 -4.98 -0.41 -23.49
N ALA A 26 -4.59 -0.85 -24.69
CA ALA A 26 -5.56 -1.12 -25.75
C ALA A 26 -6.48 -2.28 -25.37
N PHE A 27 -5.96 -3.28 -24.68
CA PHE A 27 -6.76 -4.45 -24.33
C PHE A 27 -7.86 -4.09 -23.34
N PHE A 28 -7.53 -3.35 -22.28
CA PHE A 28 -8.53 -3.00 -21.28
C PHE A 28 -9.50 -1.93 -21.80
N ALA A 29 -9.09 -1.12 -22.76
CA ALA A 29 -10.01 -0.12 -23.30
C ALA A 29 -11.20 -0.78 -23.98
N ASN A 30 -11.04 -2.02 -24.45
CA ASN A 30 -12.10 -2.74 -25.13
C ASN A 30 -13.09 -3.40 -24.17
N LEU A 31 -12.72 -3.54 -22.89
CA LEU A 31 -13.47 -4.41 -21.98
C LEU A 31 -14.72 -3.72 -21.43
N LYS A 32 -15.70 -4.54 -21.08
CA LYS A 32 -16.91 -4.08 -20.42
C LYS A 32 -17.15 -4.88 -19.15
N LEU A 33 -17.98 -4.33 -18.26
CA LEU A 33 -18.26 -5.01 -17.00
C LEU A 33 -18.81 -6.41 -17.22
N SER A 34 -19.61 -6.59 -18.27
CA SER A 34 -20.24 -7.87 -18.55
C SER A 34 -19.26 -8.93 -19.03
N ASP A 35 -18.01 -8.57 -19.33
CA ASP A 35 -16.99 -9.55 -19.66
C ASP A 35 -16.50 -10.32 -18.45
N PHE A 36 -16.78 -9.85 -17.25
CA PHE A 36 -16.23 -10.43 -16.02
C PHE A 36 -17.29 -11.20 -15.25
N ASN A 37 -16.82 -12.22 -14.53
CA ASN A 37 -17.58 -12.94 -13.52
C ASN A 37 -16.87 -12.80 -12.18
N ILE A 38 -17.64 -12.80 -11.09
CA ILE A 38 -17.09 -12.64 -9.75
C ILE A 38 -16.80 -14.02 -9.17
N ILE A 39 -15.61 -14.16 -8.57
CA ILE A 39 -15.14 -15.43 -8.03
C ILE A 39 -15.31 -15.49 -6.52
N ASP A 40 -14.88 -14.45 -5.81
CA ASP A 40 -14.85 -14.44 -4.35
C ASP A 40 -14.35 -13.08 -3.91
N THR A 41 -14.34 -12.87 -2.59
CA THR A 41 -13.96 -11.60 -2.00
C THR A 41 -12.52 -11.64 -1.49
N LEU A 42 -11.79 -10.55 -1.71
CA LEU A 42 -10.42 -10.45 -1.23
C LEU A 42 -10.28 -9.51 -0.04
N GLY A 43 -11.27 -8.67 0.21
CA GLY A 43 -11.14 -7.66 1.24
C GLY A 43 -12.40 -6.83 1.32
N VAL A 44 -12.55 -6.17 2.47
CA VAL A 44 -13.71 -5.34 2.75
C VAL A 44 -13.23 -4.08 3.47
N GLY A 45 -13.99 -3.01 3.29
CA GLY A 45 -13.68 -1.75 3.94
C GLY A 45 -14.95 -1.00 4.29
N GLY A 46 -14.79 0.27 4.66
CA GLY A 46 -15.92 1.09 5.04
C GLY A 46 -17.07 1.11 4.06
N PHE A 47 -16.84 1.59 2.84
CA PHE A 47 -17.92 1.74 1.88
C PHE A 47 -17.66 0.98 0.58
N GLY A 48 -16.95 -0.14 0.67
CA GLY A 48 -16.80 -0.98 -0.50
C GLY A 48 -16.03 -2.25 -0.17
N ARG A 49 -15.62 -2.94 -1.23
CA ARG A 49 -14.94 -4.23 -1.11
C ARG A 49 -14.10 -4.47 -2.35
N VAL A 50 -13.22 -5.46 -2.26
CA VAL A 50 -12.40 -5.91 -3.39
C VAL A 50 -12.79 -7.35 -3.71
N GLU A 51 -13.16 -7.59 -4.97
CA GLU A 51 -13.56 -8.90 -5.42
C GLU A 51 -12.55 -9.46 -6.41
N LEU A 52 -12.33 -10.77 -6.35
CA LEU A 52 -11.63 -11.44 -7.44
C LEU A 52 -12.61 -11.64 -8.60
N VAL A 53 -12.23 -11.18 -9.78
CA VAL A 53 -13.10 -11.31 -10.94
C VAL A 53 -12.36 -12.03 -12.05
N GLN A 54 -13.13 -12.77 -12.84
CA GLN A 54 -12.58 -13.61 -13.89
C GLN A 54 -13.11 -13.16 -15.25
N LEU A 55 -12.21 -13.09 -16.23
CA LEU A 55 -12.59 -12.72 -17.59
C LEU A 55 -13.26 -13.92 -18.26
N LYS A 56 -14.50 -13.71 -18.75
CA LYS A 56 -15.29 -14.80 -19.31
C LYS A 56 -14.58 -15.47 -20.48
N SER A 57 -13.83 -14.71 -21.28
CA SER A 57 -13.26 -15.23 -22.51
C SER A 57 -11.94 -15.97 -22.31
N GLU A 58 -11.25 -15.74 -21.18
CA GLU A 58 -9.99 -16.41 -20.90
C GLU A 58 -10.00 -16.79 -19.43
N GLU A 59 -10.32 -18.05 -19.15
CA GLU A 59 -10.45 -18.50 -17.77
C GLU A 59 -9.17 -18.29 -16.97
N SER A 60 -8.02 -18.19 -17.64
CA SER A 60 -6.75 -17.99 -16.96
C SER A 60 -6.61 -16.60 -16.36
N LYS A 61 -7.31 -15.59 -16.89
CA LYS A 61 -7.09 -14.19 -16.52
C LYS A 61 -8.07 -13.79 -15.41
N THR A 62 -7.56 -13.62 -14.20
CA THR A 62 -8.34 -13.07 -13.10
C THR A 62 -7.74 -11.74 -12.64
N PHE A 63 -8.59 -10.90 -12.04
CA PHE A 63 -8.23 -9.56 -11.59
C PHE A 63 -8.86 -9.27 -10.25
N ALA A 64 -8.39 -8.18 -9.62
CA ALA A 64 -9.02 -7.62 -8.44
C ALA A 64 -9.86 -6.42 -8.83
N MET A 65 -11.08 -6.35 -8.30
CA MET A 65 -12.01 -5.26 -8.61
C MET A 65 -12.47 -4.61 -7.31
N LYS A 66 -11.97 -3.41 -7.05
CA LYS A 66 -12.46 -2.60 -5.95
C LYS A 66 -13.77 -1.95 -6.35
N ILE A 67 -14.80 -2.14 -5.54
CA ILE A 67 -16.13 -1.66 -5.85
C ILE A 67 -16.54 -0.77 -4.69
N LEU A 68 -16.71 0.52 -4.97
CA LEU A 68 -16.95 1.53 -3.96
C LEU A 68 -18.31 2.16 -4.18
N LYS A 69 -18.98 2.50 -3.08
CA LYS A 69 -20.32 3.08 -3.10
C LYS A 69 -20.21 4.60 -3.20
N LYS A 70 -20.69 5.16 -4.31
CA LYS A 70 -20.46 6.57 -4.61
C LYS A 70 -21.07 7.50 -3.57
N ARG A 71 -22.34 7.26 -3.20
CA ARG A 71 -22.97 8.16 -2.23
C ARG A 71 -22.17 8.23 -0.94
N HIS A 72 -21.65 7.09 -0.48
CA HIS A 72 -20.86 7.07 0.75
C HIS A 72 -19.59 7.89 0.61
N ILE A 73 -18.94 7.82 -0.57
CA ILE A 73 -17.79 8.68 -0.84
C ILE A 73 -18.19 10.14 -0.71
N VAL A 74 -19.34 10.50 -1.29
CA VAL A 74 -19.81 11.88 -1.25
C VAL A 74 -20.12 12.29 0.18
N ASP A 75 -20.84 11.44 0.91
CA ASP A 75 -21.21 11.76 2.30
C ASP A 75 -19.99 11.95 3.18
N THR A 76 -18.91 11.21 2.92
CA THR A 76 -17.70 11.32 3.73
C THR A 76 -16.67 12.28 3.14
N ARG A 77 -16.99 12.96 2.04
CA ARG A 77 -16.12 13.98 1.44
C ARG A 77 -14.78 13.39 0.99
N GLN A 78 -14.84 12.20 0.41
CA GLN A 78 -13.66 11.48 -0.07
C GLN A 78 -13.45 11.61 -1.58
N GLN A 79 -14.15 12.54 -2.23
CA GLN A 79 -14.13 12.60 -3.70
C GLN A 79 -12.73 12.84 -4.23
N GLU A 80 -12.02 13.84 -3.70
CA GLU A 80 -10.71 14.14 -4.27
C GLU A 80 -9.70 13.05 -3.91
N HIS A 81 -9.87 12.41 -2.76
CA HIS A 81 -9.03 11.28 -2.39
C HIS A 81 -9.18 10.13 -3.40
N ILE A 82 -10.42 9.80 -3.77
CA ILE A 82 -10.64 8.70 -4.71
C ILE A 82 -10.16 9.07 -6.11
N ARG A 83 -10.41 10.32 -6.53
CA ARG A 83 -9.89 10.77 -7.81
C ARG A 83 -8.37 10.63 -7.85
N SER A 84 -7.70 11.03 -6.77
CA SER A 84 -6.26 10.92 -6.69
C SER A 84 -5.80 9.47 -6.70
N GLU A 85 -6.57 8.58 -6.05
CA GLU A 85 -6.22 7.16 -6.07
C GLU A 85 -6.19 6.63 -7.50
N LYS A 86 -7.20 6.99 -8.29
CA LYS A 86 -7.22 6.55 -9.68
C LYS A 86 -6.03 7.10 -10.45
N GLN A 87 -5.79 8.41 -10.35
CA GLN A 87 -4.73 9.04 -11.13
C GLN A 87 -3.38 8.42 -10.79
N ILE A 88 -3.05 8.38 -9.50
CA ILE A 88 -1.74 7.92 -9.06
C ILE A 88 -1.55 6.44 -9.41
N MET A 89 -2.56 5.61 -9.09
CA MET A 89 -2.42 4.18 -9.25
C MET A 89 -2.51 3.74 -10.70
N GLN A 90 -3.34 4.42 -11.51
CA GLN A 90 -3.43 4.04 -12.92
C GLN A 90 -2.16 4.40 -13.69
N GLY A 91 -1.51 5.51 -13.32
CA GLY A 91 -0.29 5.93 -14.00
C GLY A 91 0.97 5.29 -13.49
N ALA A 92 0.92 4.66 -12.32
CA ALA A 92 2.11 4.00 -11.78
C ALA A 92 2.40 2.71 -12.52
N HIS A 93 3.67 2.53 -12.90
CA HIS A 93 4.17 1.29 -13.50
C HIS A 93 5.35 0.84 -12.63
N SER A 94 5.04 0.23 -11.49
CA SER A 94 6.08 -0.31 -10.62
C SER A 94 5.74 -1.74 -10.25
N ASP A 95 6.76 -2.60 -10.33
CA ASP A 95 6.59 -3.99 -9.93
C ASP A 95 6.26 -4.16 -8.46
N PHE A 96 6.38 -3.09 -7.66
CA PHE A 96 6.12 -3.15 -6.22
C PHE A 96 4.83 -2.39 -5.87
N ILE A 97 4.02 -2.08 -6.86
CA ILE A 97 2.72 -1.47 -6.67
C ILE A 97 1.73 -2.24 -7.53
N VAL A 98 0.63 -2.69 -6.93
CA VAL A 98 -0.40 -3.37 -7.72
C VAL A 98 -0.87 -2.43 -8.81
N ARG A 99 -0.98 -2.96 -10.02
CA ARG A 99 -1.37 -2.11 -11.13
C ARG A 99 -2.87 -1.80 -11.07
N LEU A 100 -3.22 -0.59 -11.48
CA LEU A 100 -4.61 -0.24 -11.75
C LEU A 100 -4.70 -0.10 -13.27
N TYR A 101 -5.42 -1.02 -13.89
CA TYR A 101 -5.52 -1.04 -15.34
C TYR A 101 -6.53 -0.03 -15.86
N ARG A 102 -7.70 0.06 -15.23
CA ARG A 102 -8.74 0.99 -15.68
C ARG A 102 -9.87 1.01 -14.65
N THR A 103 -10.86 1.86 -14.91
CA THR A 103 -12.02 1.99 -14.05
C THR A 103 -13.30 1.88 -14.86
N PHE A 104 -14.38 1.56 -14.16
CA PHE A 104 -15.74 1.64 -14.67
C PHE A 104 -16.58 2.42 -13.67
N LYS A 105 -17.80 2.76 -14.09
CA LYS A 105 -18.68 3.57 -13.24
C LYS A 105 -20.11 3.44 -13.72
N ASP A 106 -21.04 3.40 -12.76
CA ASP A 106 -22.46 3.60 -13.02
C ASP A 106 -23.01 4.54 -11.95
N SER A 107 -24.34 4.66 -11.84
CA SER A 107 -24.89 5.64 -10.92
C SER A 107 -24.58 5.32 -9.47
N LYS A 108 -24.49 4.04 -9.13
CA LYS A 108 -24.32 3.66 -7.74
C LYS A 108 -22.87 3.39 -7.34
N TYR A 109 -22.04 2.87 -8.25
CA TYR A 109 -20.77 2.28 -7.88
C TYR A 109 -19.64 2.77 -8.78
N LEU A 110 -18.44 2.82 -8.21
CA LEU A 110 -17.18 2.91 -8.94
C LEU A 110 -16.48 1.56 -8.91
N TYR A 111 -15.78 1.24 -10.00
CA TYR A 111 -15.19 -0.08 -10.19
C TYR A 111 -13.75 0.12 -10.63
N MET A 112 -12.79 -0.45 -9.89
CA MET A 112 -11.37 -0.27 -10.17
C MET A 112 -10.75 -1.63 -10.50
N LEU A 113 -10.38 -1.84 -11.77
CA LEU A 113 -9.87 -3.12 -12.24
C LEU A 113 -8.36 -3.19 -12.03
N MET A 114 -7.92 -4.11 -11.17
CA MET A 114 -6.55 -4.09 -10.67
C MET A 114 -5.89 -5.44 -10.94
N GLU A 115 -4.57 -5.45 -10.85
CA GLU A 115 -3.81 -6.68 -10.92
C GLU A 115 -4.14 -7.54 -9.69
N ALA A 116 -4.27 -8.85 -9.91
CA ALA A 116 -4.59 -9.78 -8.83
C ALA A 116 -3.32 -10.41 -8.26
N CYS A 117 -3.18 -10.36 -6.94
CA CYS A 117 -2.06 -10.94 -6.21
C CYS A 117 -2.62 -11.88 -5.14
N LEU A 118 -2.44 -13.17 -5.35
CA LEU A 118 -3.17 -14.19 -4.60
C LEU A 118 -2.36 -14.77 -3.44
N GLY A 119 -1.21 -14.19 -3.12
CA GLY A 119 -0.39 -14.72 -2.04
C GLY A 119 -0.87 -14.34 -0.66
N GLY A 120 -1.70 -13.32 -0.54
CA GLY A 120 -2.33 -12.97 0.73
C GLY A 120 -1.83 -11.64 1.26
N GLU A 121 -2.63 -11.07 2.16
CA GLU A 121 -2.26 -9.84 2.84
C GLU A 121 -1.18 -10.10 3.86
N LEU A 122 -0.18 -9.22 3.91
CA LEU A 122 0.90 -9.38 4.88
C LEU A 122 0.37 -9.35 6.31
N TRP A 123 -0.70 -8.60 6.57
CA TRP A 123 -1.23 -8.51 7.92
C TRP A 123 -1.68 -9.88 8.44
N THR A 124 -2.41 -10.65 7.62
CA THR A 124 -2.87 -11.96 8.09
C THR A 124 -1.68 -12.91 8.30
N ILE A 125 -0.67 -12.82 7.45
CA ILE A 125 0.50 -13.66 7.62
C ILE A 125 1.28 -13.25 8.87
N LEU A 126 1.41 -11.94 9.10
CA LEU A 126 2.04 -11.48 10.33
C LEU A 126 1.25 -11.95 11.56
N ARG A 127 -0.08 -11.81 11.51
CA ARG A 127 -0.93 -12.29 12.60
C ARG A 127 -0.69 -13.76 12.88
N ASP A 128 -0.71 -14.60 11.83
CA ASP A 128 -0.63 -16.03 12.03
C ASP A 128 0.76 -16.48 12.48
N ARG A 129 1.80 -15.79 12.02
CA ARG A 129 3.17 -16.13 12.40
C ARG A 129 3.65 -15.41 13.64
N GLY A 130 2.96 -14.36 14.09
CA GLY A 130 3.35 -13.63 15.27
C GLY A 130 4.30 -12.48 14.97
N SER A 131 5.46 -12.81 14.40
CA SER A 131 6.43 -11.82 13.99
C SER A 131 7.23 -12.40 12.83
N PHE A 132 8.00 -11.55 12.16
CA PHE A 132 8.82 -11.95 11.04
C PHE A 132 10.29 -11.90 11.43
N GLU A 133 11.09 -12.81 10.86
CA GLU A 133 12.52 -12.78 11.11
C GLU A 133 13.14 -11.55 10.45
N ASP A 134 14.36 -11.24 10.87
CA ASP A 134 15.07 -10.08 10.33
C ASP A 134 15.14 -10.14 8.81
N SER A 135 15.63 -11.26 8.26
CA SER A 135 15.80 -11.38 6.82
C SER A 135 14.45 -11.34 6.10
N THR A 136 13.41 -11.92 6.68
CA THR A 136 12.08 -11.82 6.09
C THR A 136 11.62 -10.37 6.06
N THR A 137 11.76 -9.66 7.18
CA THR A 137 11.34 -8.26 7.23
C THR A 137 12.12 -7.41 6.22
N ARG A 138 13.41 -7.70 6.05
CA ARG A 138 14.24 -6.92 5.14
C ARG A 138 13.74 -7.03 3.71
N PHE A 139 13.35 -8.23 3.28
CA PHE A 139 12.82 -8.41 1.94
C PHE A 139 11.57 -7.58 1.72
N TYR A 140 10.62 -7.65 2.66
CA TYR A 140 9.38 -6.87 2.52
C TYR A 140 9.66 -5.37 2.60
N THR A 141 10.60 -4.96 3.46
CA THR A 141 10.88 -3.53 3.58
C THR A 141 11.51 -3.00 2.30
N ALA A 142 12.39 -3.79 1.69
CA ALA A 142 13.02 -3.41 0.43
C ALA A 142 11.99 -3.23 -0.67
N CYS A 143 10.98 -4.11 -0.71
CA CYS A 143 9.88 -3.92 -1.65
C CYS A 143 9.22 -2.56 -1.44
N VAL A 144 8.96 -2.19 -0.19
CA VAL A 144 8.38 -0.87 0.08
C VAL A 144 9.36 0.22 -0.34
N VAL A 145 10.64 0.08 0.00
CA VAL A 145 11.62 1.11 -0.37
C VAL A 145 11.57 1.36 -1.86
N GLU A 146 11.56 0.29 -2.66
CA GLU A 146 11.51 0.44 -4.12
C GLU A 146 10.23 1.16 -4.56
N ALA A 147 9.07 0.75 -4.03
CA ALA A 147 7.84 1.48 -4.29
C ALA A 147 7.97 2.95 -3.88
N PHE A 148 8.56 3.20 -2.72
CA PHE A 148 8.75 4.59 -2.27
C PHE A 148 9.68 5.36 -3.21
N ALA A 149 10.77 4.74 -3.63
CA ALA A 149 11.70 5.42 -4.53
C ALA A 149 10.97 5.86 -5.79
N TYR A 150 10.09 5.01 -6.31
CA TYR A 150 9.38 5.33 -7.53
C TYR A 150 8.38 6.46 -7.30
N LEU A 151 7.59 6.36 -6.22
CA LEU A 151 6.58 7.38 -5.93
C LEU A 151 7.22 8.72 -5.57
N HIS A 152 8.23 8.70 -4.70
CA HIS A 152 8.83 9.96 -4.27
C HIS A 152 9.50 10.69 -5.42
N SER A 153 10.06 9.96 -6.38
CA SER A 153 10.67 10.61 -7.53
C SER A 153 9.63 11.36 -8.37
N LYS A 154 8.35 10.97 -8.30
CA LYS A 154 7.30 11.67 -9.02
C LYS A 154 6.52 12.61 -8.12
N GLY A 155 7.06 12.95 -6.95
CA GLY A 155 6.43 13.91 -6.06
C GLY A 155 5.19 13.42 -5.34
N ILE A 156 5.05 12.11 -5.17
CA ILE A 156 3.83 11.49 -4.67
C ILE A 156 4.12 10.97 -3.26
N ILE A 157 3.30 11.40 -2.29
CA ILE A 157 3.31 10.84 -0.95
C ILE A 157 2.26 9.75 -0.89
N TYR A 158 2.54 8.69 -0.13
CA TYR A 158 1.70 7.50 -0.11
C TYR A 158 0.79 7.47 1.11
N ARG A 159 1.35 7.65 2.31
CA ARG A 159 0.67 8.01 3.55
C ARG A 159 -0.07 6.87 4.25
N ASP A 160 -0.28 5.71 3.62
CA ASP A 160 -1.08 4.66 4.23
C ASP A 160 -0.30 3.36 4.43
N LEU A 161 1.02 3.44 4.58
CA LEU A 161 1.81 2.23 4.79
C LEU A 161 1.42 1.55 6.10
N LYS A 162 1.16 0.24 6.03
CA LYS A 162 0.86 -0.63 7.16
C LYS A 162 0.73 -2.06 6.64
N PRO A 163 0.77 -3.09 7.50
CA PRO A 163 0.79 -4.47 6.98
C PRO A 163 -0.45 -4.88 6.20
N GLU A 164 -1.61 -4.28 6.49
CA GLU A 164 -2.80 -4.64 5.74
C GLU A 164 -2.76 -4.14 4.30
N ASN A 165 -1.84 -3.21 4.00
CA ASN A 165 -1.76 -2.60 2.67
C ASN A 165 -0.58 -3.11 1.85
N LEU A 166 0.03 -4.22 2.26
CA LEU A 166 1.04 -4.90 1.48
C LEU A 166 0.52 -6.29 1.12
N ILE A 167 0.43 -6.57 -0.18
CA ILE A 167 -0.05 -7.84 -0.69
C ILE A 167 1.12 -8.61 -1.30
N LEU A 168 1.09 -9.93 -1.15
CA LEU A 168 2.07 -10.83 -1.76
C LEU A 168 1.52 -11.40 -3.05
N ASP A 169 2.35 -11.48 -4.09
CA ASP A 169 1.92 -12.15 -5.31
C ASP A 169 2.19 -13.64 -5.14
N HIS A 170 2.00 -14.42 -6.20
CA HIS A 170 2.14 -15.86 -6.05
C HIS A 170 3.58 -16.28 -5.78
N ARG A 171 4.56 -15.45 -6.16
CA ARG A 171 5.96 -15.75 -5.89
C ARG A 171 6.35 -15.45 -4.44
N GLY A 172 5.62 -14.57 -3.76
CA GLY A 172 6.04 -14.06 -2.48
C GLY A 172 6.64 -12.66 -2.52
N TYR A 173 6.55 -11.96 -3.65
CA TYR A 173 6.95 -10.57 -3.70
C TYR A 173 5.82 -9.68 -3.18
N ALA A 174 6.20 -8.60 -2.49
CA ALA A 174 5.23 -7.73 -1.84
C ALA A 174 4.98 -6.48 -2.69
N LYS A 175 3.74 -5.98 -2.62
CA LYS A 175 3.30 -4.86 -3.46
C LYS A 175 2.34 -3.98 -2.67
N LEU A 176 2.44 -2.67 -2.88
CA LEU A 176 1.56 -1.71 -2.22
C LEU A 176 0.16 -1.75 -2.81
N VAL A 177 -0.86 -1.61 -1.95
CA VAL A 177 -2.23 -1.35 -2.37
C VAL A 177 -2.81 -0.19 -1.59
N ASP A 178 -4.02 0.22 -1.99
CA ASP A 178 -4.85 1.20 -1.29
C ASP A 178 -4.21 2.58 -1.34
N PHE A 179 -4.42 3.29 -2.45
CA PHE A 179 -3.79 4.59 -2.66
C PHE A 179 -4.75 5.74 -2.41
N GLY A 180 -5.77 5.50 -1.59
CA GLY A 180 -6.80 6.49 -1.33
C GLY A 180 -6.31 7.73 -0.62
N PHE A 181 -5.19 7.62 0.11
CA PHE A 181 -4.59 8.76 0.77
C PHE A 181 -3.31 9.23 0.08
N ALA A 182 -2.95 8.61 -1.05
CA ALA A 182 -1.77 9.03 -1.78
C ALA A 182 -2.04 10.35 -2.51
N LYS A 183 -1.01 11.19 -2.60
CA LYS A 183 -1.25 12.56 -3.05
C LYS A 183 0.01 13.12 -3.69
N LYS A 184 -0.17 13.85 -4.79
CA LYS A 184 0.90 14.60 -5.42
C LYS A 184 1.07 15.93 -4.70
N ILE A 185 2.28 16.22 -4.23
CA ILE A 185 2.56 17.44 -3.48
C ILE A 185 3.73 18.18 -4.10
N GLY A 186 3.58 19.51 -4.24
CA GLY A 186 4.58 20.31 -4.93
C GLY A 186 5.79 20.65 -4.08
N PHE A 187 6.86 21.05 -4.75
CA PHE A 187 8.11 21.36 -4.07
C PHE A 187 7.91 22.42 -2.99
N GLY A 188 8.40 22.15 -1.78
CA GLY A 188 8.28 23.14 -0.74
C GLY A 188 6.86 23.35 -0.24
N LYS A 189 5.95 22.45 -0.57
CA LYS A 189 4.57 22.53 -0.13
C LYS A 189 4.29 21.44 0.91
N LYS A 190 3.22 21.63 1.67
CA LYS A 190 2.81 20.65 2.66
C LYS A 190 1.32 20.39 2.49
N THR A 191 0.88 19.24 3.00
CA THR A 191 -0.53 18.87 2.99
C THR A 191 -1.00 18.69 4.43
N TRP A 192 -2.32 18.72 4.62
CA TRP A 192 -2.83 18.92 5.98
C TRP A 192 -3.90 17.94 6.47
N TPO A 193 -4.31 16.99 5.63
CA TPO A 193 -5.34 16.07 6.04
CB TPO A 193 -5.78 15.24 4.85
CG2 TPO A 193 -6.98 14.36 5.19
OG1 TPO A 193 -6.11 16.10 3.77
P TPO A 193 -5.20 16.09 2.46
O1P TPO A 193 -3.81 16.15 3.04
O2P TPO A 193 -5.63 17.30 1.71
O3P TPO A 193 -5.54 14.79 1.81
C TPO A 193 -4.86 15.15 7.11
O TPO A 193 -3.75 14.61 7.02
N PHE A 194 -5.69 14.92 8.13
CA PHE A 194 -5.32 14.02 9.19
C PHE A 194 -5.94 12.70 8.78
N CYS A 195 -5.10 11.79 8.31
CA CYS A 195 -5.55 10.49 7.86
C CYS A 195 -4.53 9.42 8.21
N GLY A 196 -4.97 8.18 8.26
CA GLY A 196 -4.07 7.11 8.61
C GLY A 196 -4.34 6.56 10.00
N THR A 197 -3.83 5.37 10.25
CA THR A 197 -4.07 4.69 11.53
C THR A 197 -3.34 5.42 12.65
N PRO A 198 -3.95 5.54 13.83
CA PRO A 198 -3.32 6.28 14.93
C PRO A 198 -1.90 5.84 15.24
N GLU A 199 -1.61 4.55 15.08
CA GLU A 199 -0.28 4.04 15.39
C GLU A 199 0.78 4.47 14.37
N TYR A 200 0.38 4.93 13.19
CA TYR A 200 1.31 5.20 12.10
C TYR A 200 1.49 6.69 11.80
N VAL A 201 0.77 7.56 12.48
CA VAL A 201 0.79 8.98 12.12
C VAL A 201 2.03 9.63 12.73
N ALA A 202 2.73 10.43 11.91
CA ALA A 202 3.92 11.14 12.33
C ALA A 202 3.52 12.29 13.28
N PRO A 203 4.48 12.80 14.08
CA PRO A 203 4.14 13.87 15.01
C PRO A 203 3.63 15.12 14.32
N GLU A 204 4.15 15.45 13.15
CA GLU A 204 3.70 16.65 12.45
C GLU A 204 2.24 16.53 12.01
N ILE A 205 1.73 15.30 11.86
CA ILE A 205 0.31 15.10 11.59
C ILE A 205 -0.50 15.28 12.87
N ILE A 206 -0.06 14.61 13.95
CA ILE A 206 -0.75 14.74 15.23
C ILE A 206 -0.86 16.19 15.65
N LEU A 207 0.23 16.95 15.51
CA LEU A 207 0.28 18.33 15.95
C LEU A 207 -0.30 19.31 14.95
N ASN A 208 -0.86 18.83 13.84
CA ASN A 208 -1.49 19.69 12.83
C ASN A 208 -0.51 20.78 12.37
N LYS A 209 0.67 20.33 11.92
CA LYS A 209 1.73 21.25 11.48
C LYS A 209 1.98 21.18 9.99
N GLY A 210 1.21 20.39 9.26
CA GLY A 210 1.48 20.08 7.87
C GLY A 210 2.50 18.97 7.76
N HIS A 211 2.39 18.20 6.67
CA HIS A 211 3.30 17.09 6.47
C HIS A 211 3.56 16.95 4.98
N ASP A 212 4.67 16.28 4.65
CA ASP A 212 5.04 16.07 3.25
C ASP A 212 5.57 14.65 3.12
N ILE A 213 6.33 14.40 2.05
CA ILE A 213 6.84 13.06 1.76
C ILE A 213 7.55 12.46 2.98
N SER A 214 8.16 13.31 3.81
CA SER A 214 8.87 12.83 4.99
C SER A 214 7.98 12.02 5.93
N ALA A 215 6.66 12.20 5.88
CA ALA A 215 5.78 11.35 6.69
C ALA A 215 5.87 9.89 6.25
N ASP A 216 6.21 9.64 4.97
CA ASP A 216 6.35 8.26 4.50
C ASP A 216 7.56 7.57 5.12
N TYR A 217 8.67 8.29 5.30
CA TYR A 217 9.83 7.66 5.94
C TYR A 217 9.52 7.33 7.39
N TRP A 218 8.84 8.22 8.10
CA TRP A 218 8.36 7.89 9.44
C TRP A 218 7.59 6.58 9.40
N SER A 219 6.65 6.45 8.47
CA SER A 219 5.80 5.26 8.44
C SER A 219 6.61 4.01 8.12
N LEU A 220 7.67 4.14 7.31
CA LEU A 220 8.53 3.00 7.03
C LEU A 220 9.15 2.47 8.32
N GLY A 221 9.59 3.36 9.20
CA GLY A 221 10.14 2.92 10.47
C GLY A 221 9.12 2.20 11.33
N ILE A 222 7.89 2.72 11.38
CA ILE A 222 6.82 2.03 12.09
C ILE A 222 6.65 0.63 11.53
N LEU A 223 6.60 0.50 10.20
CA LEU A 223 6.37 -0.81 9.58
C LEU A 223 7.46 -1.80 9.97
N MET A 224 8.73 -1.40 9.92
CA MET A 224 9.81 -2.30 10.30
C MET A 224 9.60 -2.82 11.71
N TYR A 225 9.32 -1.92 12.65
CA TYR A 225 9.09 -2.31 14.04
C TYR A 225 7.94 -3.31 14.16
N GLU A 226 6.81 -3.06 13.48
CA GLU A 226 5.67 -3.95 13.61
C GLU A 226 5.94 -5.32 12.98
N LEU A 227 6.56 -5.34 11.80
CA LEU A 227 6.87 -6.63 11.18
C LEU A 227 7.81 -7.46 12.05
N LEU A 228 8.75 -6.82 12.77
CA LEU A 228 9.75 -7.57 13.53
C LEU A 228 9.22 -8.07 14.88
N THR A 229 8.25 -7.37 15.47
CA THR A 229 7.77 -7.69 16.80
C THR A 229 6.30 -8.09 16.83
N GLY A 230 5.53 -7.79 15.79
CA GLY A 230 4.11 -8.07 15.77
C GLY A 230 3.22 -6.91 16.15
N SER A 231 3.80 -5.78 16.58
CA SER A 231 3.00 -4.65 17.03
C SER A 231 3.77 -3.37 16.76
N PRO A 232 3.07 -2.26 16.52
CA PRO A 232 3.75 -0.98 16.31
C PRO A 232 4.38 -0.48 17.61
N PRO A 233 5.39 0.38 17.50
CA PRO A 233 6.11 0.80 18.72
C PRO A 233 5.30 1.68 19.65
N PHE A 234 4.48 2.58 19.11
CA PHE A 234 3.64 3.46 19.92
C PHE A 234 2.19 2.97 19.87
N SER A 235 1.71 2.43 20.99
CA SER A 235 0.34 1.92 21.04
C SER A 235 -0.23 2.19 22.44
N GLY A 236 -1.44 2.73 22.48
CA GLY A 236 -2.13 2.97 23.72
C GLY A 236 -3.53 2.41 23.71
N PRO A 237 -4.17 2.34 24.88
CA PRO A 237 -5.55 1.83 24.93
C PRO A 237 -6.50 2.61 24.03
N ASP A 238 -6.43 3.93 24.06
CA ASP A 238 -7.22 4.82 23.24
C ASP A 238 -6.32 5.56 22.27
N PRO A 239 -6.87 6.19 21.23
CA PRO A 239 -6.02 6.97 20.32
C PRO A 239 -5.30 8.14 20.98
N MET A 240 -5.90 8.78 21.98
CA MET A 240 -5.27 9.95 22.59
C MET A 240 -4.00 9.58 23.34
N LYS A 241 -4.02 8.49 24.09
CA LYS A 241 -2.80 8.03 24.77
C LYS A 241 -1.74 7.64 23.75
N THR A 242 -2.16 7.02 22.64
CA THR A 242 -1.22 6.65 21.59
C THR A 242 -0.53 7.87 21.00
N TYR A 243 -1.31 8.93 20.73
CA TYR A 243 -0.73 10.16 20.18
C TYR A 243 0.31 10.74 21.12
N ASN A 244 0.03 10.75 22.43
CA ASN A 244 0.99 11.28 23.37
C ASN A 244 2.26 10.44 23.38
N ILE A 245 2.13 9.11 23.27
CA ILE A 245 3.30 8.25 23.22
C ILE A 245 4.15 8.56 22.00
N ILE A 246 3.50 8.78 20.85
CA ILE A 246 4.23 9.15 19.64
C ILE A 246 5.00 10.45 19.86
N LEU A 247 4.38 11.42 20.52
CA LEU A 247 5.04 12.69 20.78
C LEU A 247 6.25 12.51 21.69
N ARG A 248 6.24 11.50 22.56
CA ARG A 248 7.41 11.22 23.38
C ARG A 248 8.61 10.78 22.53
N GLY A 249 8.35 10.12 21.40
CA GLY A 249 9.39 9.87 20.43
C GLY A 249 9.94 8.46 20.49
N ILE A 250 10.64 8.07 19.41
CA ILE A 250 11.15 6.71 19.27
C ILE A 250 12.28 6.42 20.24
N ASP A 251 13.02 7.45 20.67
CA ASP A 251 14.12 7.22 21.60
C ASP A 251 13.64 6.87 23.00
N MET A 252 12.39 7.19 23.33
CA MET A 252 11.87 6.86 24.65
C MET A 252 11.34 5.43 24.72
N ILE A 253 11.20 4.75 23.60
CA ILE A 253 10.69 3.39 23.57
C ILE A 253 11.83 2.41 23.81
N GLU A 254 11.58 1.39 24.64
CA GLU A 254 12.57 0.35 24.92
C GLU A 254 12.42 -0.74 23.86
N PHE A 255 13.32 -0.73 22.87
CA PHE A 255 13.27 -1.72 21.80
C PHE A 255 13.49 -3.12 22.36
N PRO A 256 12.68 -4.10 21.96
CA PRO A 256 12.92 -5.47 22.42
C PRO A 256 14.27 -5.99 21.92
N LYS A 257 14.83 -6.95 22.67
CA LYS A 257 16.13 -7.50 22.32
C LYS A 257 16.10 -8.23 20.99
N LYS A 258 14.92 -8.65 20.51
CA LYS A 258 14.81 -9.39 19.27
C LYS A 258 15.18 -8.54 18.05
N ILE A 259 15.07 -7.22 18.15
CA ILE A 259 15.42 -6.35 17.03
C ILE A 259 16.94 -6.22 16.96
N ALA A 260 17.50 -6.54 15.79
CA ALA A 260 18.94 -6.46 15.60
C ALA A 260 19.41 -5.01 15.64
N LYS A 261 20.67 -4.83 16.03
CA LYS A 261 21.22 -3.48 16.19
C LYS A 261 21.01 -2.64 14.93
N ASN A 262 21.23 -3.23 13.76
CA ASN A 262 21.13 -2.46 12.51
C ASN A 262 19.69 -2.08 12.20
N ALA A 263 18.75 -3.00 12.42
CA ALA A 263 17.35 -2.68 12.24
C ALA A 263 16.94 -1.53 13.15
N ALA A 264 17.30 -1.60 14.43
CA ALA A 264 16.94 -0.56 15.39
C ALA A 264 17.55 0.78 15.01
N ASN A 265 18.81 0.78 14.56
CA ASN A 265 19.42 2.03 14.13
C ASN A 265 18.65 2.65 12.97
N LEU A 266 18.24 1.82 12.00
CA LEU A 266 17.49 2.32 10.85
C LEU A 266 16.10 2.81 11.27
N ILE A 267 15.44 2.10 12.19
CA ILE A 267 14.12 2.53 12.65
C ILE A 267 14.20 3.92 13.29
N LYS A 268 15.19 4.11 14.15
CA LYS A 268 15.31 5.40 14.84
C LYS A 268 15.70 6.52 13.89
N LYS A 269 16.45 6.21 12.83
CA LYS A 269 16.78 7.23 11.83
C LYS A 269 15.58 7.56 10.95
N LEU A 270 14.70 6.59 10.71
CA LEU A 270 13.47 6.86 9.97
C LEU A 270 12.49 7.66 10.83
N CYS A 271 12.40 7.34 12.12
CA CYS A 271 11.44 7.97 13.01
C CYS A 271 12.05 9.13 13.78
N ARG A 272 12.73 10.03 13.07
CA ARG A 272 13.17 11.29 13.64
C ARG A 272 11.99 12.23 13.82
N ASP A 273 12.00 12.98 14.92
CA ASP A 273 10.92 13.94 15.15
C ASP A 273 10.90 15.00 14.07
N ASN A 274 12.06 15.54 13.73
CA ASN A 274 12.14 16.57 12.71
C ASN A 274 12.05 15.94 11.33
N PRO A 275 11.00 16.21 10.55
CA PRO A 275 10.90 15.64 9.20
C PRO A 275 12.15 15.83 8.36
N SER A 276 12.85 16.96 8.52
CA SER A 276 14.06 17.21 7.73
C SER A 276 15.23 16.34 8.16
N GLU A 277 15.21 15.79 9.37
CA GLU A 277 16.29 14.94 9.83
C GLU A 277 16.12 13.46 9.45
N ARG A 278 14.97 13.08 8.90
CA ARG A 278 14.67 11.68 8.67
C ARG A 278 15.49 11.10 7.53
N LEU A 279 15.93 9.85 7.69
CA LEU A 279 16.65 9.16 6.64
C LEU A 279 15.74 8.96 5.43
N GLY A 280 16.32 9.08 4.23
CA GLY A 280 15.56 9.23 3.01
C GLY A 280 15.31 10.66 2.62
N ASN A 281 15.43 11.60 3.57
CA ASN A 281 15.19 13.01 3.36
C ASN A 281 16.47 13.82 3.31
N LEU A 282 17.63 13.17 3.31
CA LEU A 282 18.91 13.84 3.40
C LEU A 282 19.55 13.91 2.00
N LYS A 283 20.86 14.09 1.96
CA LYS A 283 21.53 14.45 0.70
C LYS A 283 21.27 13.42 -0.39
N ASN A 284 21.44 12.13 -0.07
CA ASN A 284 21.33 11.06 -1.06
C ASN A 284 19.92 10.49 -1.14
N GLY A 285 18.95 11.09 -0.46
CA GLY A 285 17.56 10.68 -0.59
C GLY A 285 17.35 9.22 -0.19
N VAL A 286 16.58 8.52 -1.02
CA VAL A 286 16.29 7.11 -0.77
C VAL A 286 17.57 6.28 -0.75
N LYS A 287 18.59 6.68 -1.52
CA LYS A 287 19.84 5.93 -1.52
C LYS A 287 20.41 5.79 -0.10
N ASP A 288 20.18 6.79 0.77
CA ASP A 288 20.63 6.70 2.15
C ASP A 288 19.97 5.55 2.89
N ILE A 289 18.73 5.21 2.54
CA ILE A 289 18.07 4.08 3.17
C ILE A 289 18.62 2.77 2.62
N GLN A 290 18.72 2.66 1.30
CA GLN A 290 19.19 1.43 0.68
C GLN A 290 20.63 1.10 1.05
N LYS A 291 21.46 2.13 1.29
CA LYS A 291 22.86 1.94 1.65
C LYS A 291 23.08 1.76 3.14
N HIS A 292 22.01 1.82 3.95
CA HIS A 292 22.14 1.63 5.38
C HIS A 292 22.69 0.24 5.68
N LYS A 293 23.42 0.12 6.79
CA LYS A 293 24.07 -1.14 7.12
C LYS A 293 23.09 -2.30 7.22
N TRP A 294 21.83 -2.04 7.57
CA TRP A 294 20.86 -3.13 7.69
C TRP A 294 20.67 -3.86 6.38
N PHE A 295 20.80 -3.16 5.25
CA PHE A 295 20.68 -3.74 3.93
C PHE A 295 22.03 -4.21 3.36
N GLU A 296 23.07 -4.26 4.18
CA GLU A 296 24.37 -4.68 3.66
C GLU A 296 24.30 -6.12 3.17
N GLY A 297 24.69 -6.32 1.92
CA GLY A 297 24.59 -7.63 1.29
C GLY A 297 23.27 -7.94 0.62
N PHE A 298 22.24 -7.11 0.83
CA PHE A 298 20.97 -7.31 0.15
C PHE A 298 21.11 -6.99 -1.32
N ASN A 299 20.66 -7.90 -2.19
CA ASN A 299 20.87 -7.77 -3.64
C ASN A 299 19.68 -7.02 -4.24
N TRP A 300 19.77 -5.69 -4.23
CA TRP A 300 18.69 -4.85 -4.75
C TRP A 300 18.43 -5.12 -6.23
N GLU A 301 19.50 -5.33 -7.01
CA GLU A 301 19.31 -5.61 -8.44
C GLU A 301 18.53 -6.90 -8.65
N GLY A 302 18.80 -7.91 -7.84
CA GLY A 302 18.04 -9.15 -7.93
C GLY A 302 16.59 -8.99 -7.50
N LEU A 303 16.35 -8.16 -6.48
CA LEU A 303 14.97 -7.82 -6.12
C LEU A 303 14.25 -7.21 -7.31
N ARG A 304 14.89 -6.25 -7.97
CA ARG A 304 14.24 -5.58 -9.10
C ARG A 304 14.09 -6.51 -10.29
N LYS A 305 15.01 -7.48 -10.45
CA LYS A 305 14.97 -8.43 -11.56
C LYS A 305 14.08 -9.63 -11.27
N GLY A 306 13.61 -9.81 -10.04
CA GLY A 306 12.78 -10.96 -9.73
C GLY A 306 13.54 -12.25 -9.54
N THR A 307 14.86 -12.17 -9.52
CA THR A 307 15.74 -13.32 -9.29
C THR A 307 15.77 -13.86 -7.85
N LEU A 308 15.71 -12.94 -6.90
CA LEU A 308 15.79 -13.27 -5.47
C LEU A 308 14.67 -14.16 -4.95
N THR A 309 15.02 -15.08 -4.05
CA THR A 309 14.04 -16.00 -3.47
C THR A 309 13.34 -15.32 -2.30
N PRO A 310 12.03 -15.14 -2.34
CA PRO A 310 11.33 -14.46 -1.23
C PRO A 310 11.40 -15.30 0.04
N PRO A 311 11.19 -14.68 1.21
CA PRO A 311 11.31 -15.44 2.46
C PRO A 311 10.19 -16.43 2.68
N ILE A 312 8.97 -16.10 2.25
CA ILE A 312 7.82 -16.97 2.39
C ILE A 312 7.29 -17.24 0.99
N ILE A 313 7.21 -18.52 0.62
CA ILE A 313 6.71 -18.92 -0.69
C ILE A 313 5.23 -19.29 -0.54
N PRO A 314 4.31 -18.46 -1.00
CA PRO A 314 2.89 -18.80 -0.86
C PRO A 314 2.50 -19.96 -1.77
N SER A 315 1.40 -20.60 -1.40
CA SER A 315 0.82 -21.71 -2.15
C SER A 315 -0.45 -21.19 -2.83
N VAL A 316 -0.42 -21.12 -4.16
CA VAL A 316 -1.54 -20.59 -4.94
C VAL A 316 -1.83 -21.62 -6.03
N ALA A 317 -2.98 -22.29 -5.92
CA ALA A 317 -3.25 -23.43 -6.79
C ALA A 317 -3.58 -23.00 -8.22
N SER A 318 -4.20 -21.84 -8.40
CA SER A 318 -4.76 -21.46 -9.69
C SER A 318 -5.11 -19.98 -9.66
N PRO A 319 -5.51 -19.38 -10.79
CA PRO A 319 -5.89 -17.95 -10.75
C PRO A 319 -7.17 -17.66 -9.98
N THR A 320 -7.93 -18.67 -9.54
CA THR A 320 -9.16 -18.45 -8.79
C THR A 320 -9.04 -18.83 -7.32
N ASP A 321 -7.85 -19.15 -6.85
CA ASP A 321 -7.67 -19.61 -5.47
C ASP A 321 -7.58 -18.42 -4.53
N THR A 322 -8.53 -18.31 -3.60
CA THR A 322 -8.53 -17.25 -2.60
C THR A 322 -8.19 -17.76 -1.20
N SER A 323 -7.59 -18.95 -1.12
CA SER A 323 -7.35 -19.61 0.16
C SER A 323 -6.40 -18.84 1.06
N ASN A 324 -5.60 -17.90 0.53
CA ASN A 324 -4.66 -17.15 1.34
C ASN A 324 -5.27 -15.90 1.95
N PHE A 325 -6.58 -15.74 1.84
CA PHE A 325 -7.32 -14.60 2.39
C PHE A 325 -8.30 -15.10 3.44
N ASP A 326 -8.65 -14.21 4.37
CA ASP A 326 -9.69 -14.55 5.33
C ASP A 326 -11.03 -14.70 4.61
N SER A 327 -11.99 -15.28 5.32
CA SER A 327 -13.37 -15.30 4.87
C SER A 327 -14.00 -13.95 5.13
N PHE A 328 -14.87 -13.52 4.23
CA PHE A 328 -15.45 -12.20 4.35
C PHE A 328 -16.95 -12.27 4.11
N PRO A 329 -17.74 -11.58 4.94
CA PRO A 329 -19.20 -11.64 4.77
C PRO A 329 -19.60 -11.05 3.43
N GLU A 330 -20.56 -11.70 2.78
CA GLU A 330 -21.13 -11.17 1.56
C GLU A 330 -21.85 -9.86 1.85
N ASP A 331 -21.84 -8.95 0.87
CA ASP A 331 -22.62 -7.73 0.98
C ASP A 331 -23.95 -7.96 0.29
N ASN A 332 -24.96 -8.26 1.09
CA ASN A 332 -26.33 -8.45 0.60
C ASN A 332 -27.22 -7.29 1.00
N ASP A 333 -26.63 -6.14 1.30
CA ASP A 333 -27.41 -4.97 1.67
C ASP A 333 -28.08 -4.28 0.49
N GLU A 334 -29.20 -3.62 0.75
CA GLU A 334 -29.90 -2.90 -0.30
C GLU A 334 -28.94 -1.91 -0.96
N PRO A 335 -29.01 -1.75 -2.29
CA PRO A 335 -28.02 -0.94 -2.98
C PRO A 335 -28.11 0.52 -2.54
N PRO A 336 -27.01 1.25 -2.61
CA PRO A 336 -27.02 2.64 -2.15
C PRO A 336 -27.72 3.53 -3.16
N PRO A 337 -28.06 4.77 -2.79
CA PRO A 337 -28.75 5.65 -3.74
C PRO A 337 -27.83 6.08 -4.88
N ASP A 338 -28.46 6.51 -5.95
CA ASP A 338 -27.71 7.00 -7.09
C ASP A 338 -26.96 8.29 -6.74
N ASP A 339 -25.75 8.43 -7.29
CA ASP A 339 -24.95 9.64 -7.15
C ASP A 339 -24.65 10.18 -8.54
N ASN A 340 -25.25 11.33 -8.87
CA ASN A 340 -25.08 11.96 -10.17
C ASN A 340 -24.38 13.30 -10.07
N SER A 341 -23.66 13.54 -8.96
CA SER A 341 -22.98 14.82 -8.79
C SER A 341 -21.90 15.03 -9.83
N GLY A 342 -21.32 13.95 -10.36
CA GLY A 342 -20.40 14.05 -11.48
C GLY A 342 -18.94 14.22 -11.14
N TRP A 343 -18.56 14.16 -9.86
CA TRP A 343 -17.14 14.17 -9.52
C TRP A 343 -16.38 12.99 -10.12
N ASP A 344 -17.09 11.94 -10.52
CA ASP A 344 -16.49 10.73 -11.08
C ASP A 344 -16.50 10.74 -12.60
N ILE A 345 -16.42 11.93 -13.22
CA ILE A 345 -16.55 12.03 -14.67
C ILE A 345 -15.43 11.25 -15.36
N ASP A 346 -14.22 11.28 -14.80
CA ASP A 346 -13.08 10.63 -15.42
C ASP A 346 -13.10 9.11 -15.28
N PHE A 347 -13.89 8.57 -14.36
CA PHE A 347 -13.91 7.13 -14.17
C PHE A 347 -14.56 6.38 -15.33
C10 EE4 B . -11.09 0.94 2.25
C13 EE4 B . -12.46 -1.10 0.80
C15 EE4 B . -10.48 -2.67 0.93
C21 EE4 B . -6.28 -4.01 1.74
C22 EE4 B . -6.98 -3.79 0.62
C24 EE4 B . -6.73 -4.25 -1.83
C26 EE4 B . -6.31 -5.07 -2.98
C28 EE4 B . -5.58 -7.17 -3.94
C01 EE4 B . -15.90 4.96 6.50
C02 EE4 B . -14.41 4.97 6.19
C03 EE4 B . -14.12 4.12 4.88
C05 EE4 B . -12.22 4.41 3.54
C06 EE4 B . -12.39 3.78 2.28
C07 EE4 B . -13.17 2.49 2.10
C09 EE4 B . -12.43 1.14 1.80
C11 EE4 B . -10.47 -0.26 1.97
C12 EE4 B . -11.19 -1.29 1.23
C14 EE4 B . -13.11 0.14 1.08
C18 EE4 B . -8.46 -4.03 0.95
C19 EE4 B . -8.44 -4.90 2.22
C27 EE4 B . -6.04 -6.45 -2.81
C29 EE4 B . -5.38 -6.53 -5.17
C32 EE4 B . -5.21 -8.55 -4.18
C33 EE4 B . -5.66 -5.13 -5.33
C34 EE4 B . -6.09 -4.40 -4.21
C35 EE4 B . -11.84 4.34 1.17
C37 EE4 B . -11.14 5.52 1.26
C39 EE4 B . -10.12 7.49 0.29
C40 EE4 B . -10.97 6.14 2.49
C41 EE4 B . -11.52 5.56 3.64
F36 EE4 B . -12.02 3.72 -0.04
N17 EE4 B . -9.02 -2.78 1.21
N20 EE4 B . -7.30 -4.56 2.85
N23 EE4 B . -6.57 -4.78 -0.51
N30 EE4 B . -4.96 -7.45 -6.07
N31 EE4 B . -4.85 -8.67 -5.47
O04 EE4 B . -12.83 3.80 4.79
O08 EE4 B . -14.38 2.49 2.18
O16 EE4 B . -11.06 -3.59 0.56
O25 EE4 B . -7.10 -3.15 -1.97
O38 EE4 B . -10.58 6.08 0.12
S DMS C . -7.72 3.90 0.87
O DMS C . -9.04 3.81 0.19
C1 DMS C . -7.79 3.13 2.38
C2 DMS C . -6.65 2.86 0.04
C1 PGE D . -2.89 -11.12 -16.17
O1 PGE D . -3.56 -12.37 -15.99
C2 PGE D . -3.82 -10.17 -16.89
O2 PGE D . -3.07 -9.16 -17.53
C3 PGE D . -3.73 -8.62 -18.67
C4 PGE D . -2.78 -8.56 -19.84
O4 PGE D . -1.72 -7.69 -23.31
C6 PGE D . -2.93 -8.44 -23.37
C5 PGE D . -3.10 -9.23 -22.09
O3 PGE D . -3.50 -8.36 -21.03
#